data_7ATO
#
_entry.id   7ATO
#
_cell.length_a   68.250
_cell.length_b   83.158
_cell.length_c   90.115
_cell.angle_alpha   90.000
_cell.angle_beta   90.000
_cell.angle_gamma   90.000
#
_symmetry.space_group_name_H-M   'P 21 21 21'
#
loop_
_entity.id
_entity.type
_entity.pdbx_description
1 polymer 'Peptidoglycan D,D-transpeptidase FtsI'
2 non-polymer '(5-methyl-1H-indazol-6-yl)boronic acid'
3 non-polymer 'DIMETHYL SULFOXIDE'
4 non-polymer GLYCEROL
5 water water
#
_entity_poly.entity_id   1
_entity_poly.type   'polypeptide(L)'
_entity_poly.pdbx_seq_one_letter_code
;GPGYQDPARSVRHIAIPAHRGLITDRNGEPLAVSTPVTTLWANPKELMTAKERWPQLAAALGQDTKLFADRIEQNAEREF
IYLVRGLTPEQGEGVIALKVPGVYSIEEFRRFYPAGEVVAHAVGFTDVDDRGREGIELAFDEWLAGVPGKRQVLKDRRGR
VIKDVQVTKNAKPGKTLALSIDLRLQYLAHRELRNALLENGAKAGSLVIMDVKTGEILAMTNQPTYNPNNRRNLQPAAMR
NRAMIDVFEPGSTVKPFSMSAALASGRWKPSDIVDVYPGTLQIGRYTIRDVSRNSRQLDLTGILIKSSNVGISKIAFDIG
AESIYSVMQQVGLGQDTGLGFPGERVGNLPNHRKWPKAETATLAYGYGLSVTAIQLAHAYAALANDGKSVPLSMTRVDRV
PDGVQVISPEVASTVQGMLQQVVEAQGGVFRAQVPGYHAAGKSGTARKVSVGTKGYRENAYRSLFAGFAPATDPRIAMVV
VIDEPSKAGYFGGLVSAPVFSKVMAGALRLMNVPPDNLPTATEQQQVNAAPAKGGRG
;
_entity_poly.pdbx_strand_id   A
#
# COMPACT_ATOMS: atom_id res chain seq x y z
N PRO A 7 -50.08 5.75 -17.82
CA PRO A 7 -49.81 5.74 -19.28
C PRO A 7 -50.08 4.39 -19.95
N ALA A 8 -50.53 4.43 -21.21
CA ALA A 8 -50.82 3.23 -22.05
C ALA A 8 -49.53 2.57 -22.53
N ARG A 9 -48.43 3.34 -22.59
CA ARG A 9 -47.09 2.92 -23.08
C ARG A 9 -46.10 4.03 -22.68
N SER A 10 -44.80 3.72 -22.77
CA SER A 10 -43.68 4.65 -22.51
C SER A 10 -42.46 4.09 -23.23
N VAL A 11 -41.56 4.97 -23.65
CA VAL A 11 -40.22 4.56 -24.14
C VAL A 11 -39.26 4.95 -23.04
N ARG A 12 -38.53 3.96 -22.54
CA ARG A 12 -37.54 4.20 -21.48
C ARG A 12 -36.16 3.83 -22.01
N HIS A 13 -35.16 4.35 -21.31
CA HIS A 13 -33.72 4.07 -21.45
C HIS A 13 -33.42 2.83 -20.59
N ILE A 14 -32.62 1.89 -21.07
CA ILE A 14 -31.97 0.86 -20.20
C ILE A 14 -30.45 1.00 -20.38
N ALA A 15 -29.71 1.19 -19.28
CA ALA A 15 -28.23 1.29 -19.30
C ALA A 15 -27.68 -0.07 -19.71
N ILE A 16 -26.69 -0.06 -20.59
CA ILE A 16 -25.88 -1.25 -20.98
C ILE A 16 -24.57 -1.14 -20.20
N PRO A 17 -24.42 -1.90 -19.10
CA PRO A 17 -23.22 -1.87 -18.27
C PRO A 17 -21.98 -2.32 -19.06
N ALA A 18 -20.87 -1.64 -18.83
CA ALA A 18 -19.54 -1.97 -19.36
C ALA A 18 -18.91 -3.06 -18.48
N HIS A 19 -18.19 -3.98 -19.10
CA HIS A 19 -17.21 -4.88 -18.45
C HIS A 19 -16.06 -4.03 -17.87
N ARG A 20 -15.84 -4.09 -16.57
CA ARG A 20 -14.72 -3.36 -15.94
C ARG A 20 -13.36 -3.98 -16.32
N GLY A 21 -12.35 -3.15 -16.51
CA GLY A 21 -11.05 -3.66 -16.98
C GLY A 21 -10.43 -4.61 -15.97
N LEU A 22 -9.71 -5.58 -16.47
CA LEU A 22 -8.85 -6.52 -15.75
C LEU A 22 -7.73 -5.74 -15.08
N ILE A 23 -7.55 -5.94 -13.78
CA ILE A 23 -6.32 -5.55 -13.05
C ILE A 23 -5.41 -6.77 -13.00
N THR A 24 -4.14 -6.61 -13.40
CA THR A 24 -3.17 -7.70 -13.34
C THR A 24 -1.96 -7.21 -12.53
N ASP A 25 -1.10 -8.13 -12.14
CA ASP A 25 0.25 -7.76 -11.64
C ASP A 25 1.09 -7.41 -12.86
N ARG A 26 2.38 -7.19 -12.65
CA ARG A 26 3.28 -6.62 -13.69
C ARG A 26 3.49 -7.66 -14.79
N ASN A 27 3.30 -8.94 -14.50
CA ASN A 27 3.51 -10.08 -15.42
C ASN A 27 2.17 -10.64 -15.92
N GLY A 28 1.07 -9.94 -15.69
CA GLY A 28 -0.27 -10.27 -16.20
C GLY A 28 -1.01 -11.28 -15.35
N GLU A 29 -0.55 -11.61 -14.14
CA GLU A 29 -1.31 -12.45 -13.18
C GLU A 29 -2.57 -11.69 -12.79
N PRO A 30 -3.78 -12.31 -12.87
CA PRO A 30 -5.02 -11.58 -12.60
C PRO A 30 -5.16 -11.27 -11.11
N LEU A 31 -5.51 -10.02 -10.79
CA LEU A 31 -5.77 -9.53 -9.41
C LEU A 31 -7.21 -9.09 -9.23
N ALA A 32 -7.88 -8.58 -10.28
CA ALA A 32 -9.28 -8.13 -10.20
C ALA A 32 -9.95 -8.42 -11.54
N VAL A 33 -10.95 -9.28 -11.51
CA VAL A 33 -11.55 -9.90 -12.73
C VAL A 33 -13.05 -9.66 -12.61
N SER A 34 -13.63 -9.09 -13.66
CA SER A 34 -15.09 -8.89 -13.82
C SER A 34 -15.67 -10.25 -14.21
N THR A 35 -16.56 -10.81 -13.38
CA THR A 35 -17.11 -12.19 -13.55
C THR A 35 -18.61 -12.06 -13.72
N PRO A 36 -19.22 -12.85 -14.64
CA PRO A 36 -20.66 -12.78 -14.88
C PRO A 36 -21.51 -13.19 -13.67
N VAL A 37 -22.48 -12.36 -13.27
CA VAL A 37 -23.45 -12.68 -12.19
C VAL A 37 -24.87 -12.51 -12.74
N THR A 38 -25.80 -13.35 -12.30
CA THR A 38 -27.23 -13.28 -12.70
C THR A 38 -28.03 -12.65 -11.56
N THR A 39 -28.52 -11.41 -11.73
CA THR A 39 -29.43 -10.81 -10.73
C THR A 39 -30.87 -11.11 -11.16
N LEU A 40 -31.49 -12.08 -10.47
CA LEU A 40 -32.97 -12.20 -10.45
C LEU A 40 -33.55 -10.84 -10.04
N TRP A 41 -34.39 -10.22 -10.88
CA TRP A 41 -35.10 -8.98 -10.46
C TRP A 41 -36.59 -9.20 -10.69
N ALA A 42 -37.40 -8.30 -10.18
CA ALA A 42 -38.85 -8.46 -10.35
C ALA A 42 -39.45 -7.13 -10.71
N ASN A 43 -40.54 -7.23 -11.46
CA ASN A 43 -41.45 -6.11 -11.73
C ASN A 43 -42.66 -6.25 -10.80
N PRO A 44 -42.65 -5.58 -9.63
CA PRO A 44 -43.77 -5.67 -8.72
C PRO A 44 -45.12 -5.62 -9.47
N LYS A 45 -45.25 -4.66 -10.37
CA LYS A 45 -46.52 -4.33 -11.05
C LYS A 45 -47.04 -5.58 -11.80
N GLU A 46 -46.14 -6.45 -12.27
CA GLU A 46 -46.48 -7.74 -12.94
C GLU A 46 -46.82 -8.80 -11.87
N LEU A 47 -46.02 -8.89 -10.81
CA LEU A 47 -46.27 -9.92 -9.76
C LEU A 47 -47.71 -9.85 -9.24
N MET A 48 -48.29 -8.67 -9.08
CA MET A 48 -49.64 -8.50 -8.48
C MET A 48 -50.71 -9.28 -9.24
N THR A 49 -50.40 -9.80 -10.43
CA THR A 49 -51.33 -10.57 -11.30
C THR A 49 -51.16 -12.07 -11.07
N ALA A 50 -50.20 -12.51 -10.25
CA ALA A 50 -49.87 -13.94 -10.15
C ALA A 50 -49.65 -14.34 -8.69
N LYS A 51 -50.58 -13.95 -7.82
CA LYS A 51 -50.33 -14.02 -6.37
C LYS A 51 -50.20 -15.47 -5.97
N GLU A 52 -50.87 -16.43 -6.64
CA GLU A 52 -50.78 -17.83 -6.15
C GLU A 52 -49.36 -18.40 -6.38
N ARG A 53 -48.52 -17.74 -7.20
CA ARG A 53 -47.11 -18.17 -7.45
C ARG A 53 -46.15 -17.65 -6.36
N TRP A 54 -46.53 -16.64 -5.58
CA TRP A 54 -45.60 -15.90 -4.65
C TRP A 54 -44.89 -16.83 -3.65
N PRO A 55 -45.63 -17.68 -2.89
CA PRO A 55 -45.00 -18.56 -1.89
C PRO A 55 -43.97 -19.52 -2.48
N GLN A 56 -44.17 -19.99 -3.72
CA GLN A 56 -43.19 -20.89 -4.41
C GLN A 56 -41.95 -20.06 -4.75
N LEU A 57 -42.17 -18.82 -5.19
CA LEU A 57 -41.09 -17.86 -5.48
C LEU A 57 -40.34 -17.52 -4.19
N ALA A 58 -41.05 -17.01 -3.18
CA ALA A 58 -40.50 -16.64 -1.85
C ALA A 58 -39.54 -17.77 -1.45
N ALA A 59 -40.08 -18.98 -1.33
CA ALA A 59 -39.35 -20.19 -0.87
C ALA A 59 -38.14 -20.48 -1.75
N ALA A 60 -38.23 -20.13 -3.04
CA ALA A 60 -37.15 -20.33 -4.02
C ALA A 60 -36.07 -19.27 -3.82
N LEU A 61 -36.44 -18.14 -3.21
CA LEU A 61 -35.50 -17.06 -2.78
C LEU A 61 -35.19 -17.18 -1.28
N GLY A 62 -35.59 -18.29 -0.66
CA GLY A 62 -35.46 -18.58 0.78
C GLY A 62 -36.17 -17.56 1.65
N GLN A 63 -36.98 -16.68 1.06
CA GLN A 63 -37.60 -15.53 1.76
C GLN A 63 -38.85 -15.99 2.48
N ASP A 64 -39.23 -15.24 3.50
CA ASP A 64 -40.44 -15.56 4.29
C ASP A 64 -41.66 -15.21 3.44
N THR A 65 -42.60 -16.15 3.41
CA THR A 65 -43.80 -16.10 2.55
C THR A 65 -44.56 -14.80 2.88
N LYS A 66 -44.79 -14.51 4.15
CA LYS A 66 -45.54 -13.27 4.50
C LYS A 66 -44.70 -12.01 4.31
N LEU A 67 -43.39 -12.04 4.65
CA LEU A 67 -42.50 -10.86 4.48
C LEU A 67 -42.38 -10.59 2.97
N PHE A 68 -42.21 -11.63 2.17
CA PHE A 68 -42.06 -11.49 0.70
C PHE A 68 -43.35 -10.89 0.11
N ALA A 69 -44.48 -11.50 0.45
CA ALA A 69 -45.83 -11.00 0.07
C ALA A 69 -46.00 -9.55 0.53
N ASP A 70 -45.50 -9.20 1.73
CA ASP A 70 -45.43 -7.78 2.20
C ASP A 70 -44.56 -6.91 1.28
N ARG A 71 -43.29 -7.28 0.98
CA ARG A 71 -42.37 -6.45 0.13
CA ARG A 71 -42.37 -6.48 0.13
C ARG A 71 -43.08 -6.22 -1.21
N ILE A 72 -43.87 -7.19 -1.68
CA ILE A 72 -44.46 -7.06 -3.06
C ILE A 72 -45.65 -6.11 -3.01
N GLU A 73 -46.39 -6.10 -1.92
CA GLU A 73 -47.56 -5.18 -1.77
C GLU A 73 -47.05 -3.75 -1.62
N GLN A 74 -46.02 -3.54 -0.80
CA GLN A 74 -45.50 -2.16 -0.52
C GLN A 74 -44.84 -1.62 -1.80
N ASN A 75 -43.89 -2.34 -2.39
CA ASN A 75 -43.21 -1.92 -3.65
C ASN A 75 -44.13 -2.11 -4.86
N ALA A 76 -45.44 -1.95 -4.73
CA ALA A 76 -46.42 -2.40 -5.76
C ALA A 76 -46.46 -1.46 -6.97
N GLU A 77 -46.48 -0.14 -6.72
CA GLU A 77 -46.44 0.92 -7.76
C GLU A 77 -44.98 1.24 -8.04
N ARG A 78 -44.27 0.20 -8.46
CA ARG A 78 -42.85 0.21 -8.81
C ARG A 78 -42.76 -0.84 -9.90
N GLU A 79 -41.77 -0.74 -10.79
CA GLU A 79 -41.67 -1.70 -11.91
C GLU A 79 -40.37 -2.48 -11.81
N PHE A 80 -39.60 -2.20 -10.76
CA PHE A 80 -38.32 -2.90 -10.53
C PHE A 80 -38.12 -3.04 -9.02
N ILE A 81 -37.73 -4.24 -8.60
CA ILE A 81 -37.08 -4.51 -7.28
C ILE A 81 -36.04 -5.59 -7.53
N TYR A 82 -34.96 -5.57 -6.75
CA TYR A 82 -33.96 -6.68 -6.76
C TYR A 82 -34.59 -7.86 -6.01
N LEU A 83 -34.25 -9.09 -6.38
CA LEU A 83 -34.62 -10.30 -5.63
C LEU A 83 -33.35 -10.91 -5.05
N VAL A 84 -32.46 -11.43 -5.90
CA VAL A 84 -31.13 -11.93 -5.45
C VAL A 84 -30.10 -11.37 -6.41
N ARG A 85 -29.40 -10.32 -5.98
CA ARG A 85 -28.45 -9.53 -6.82
C ARG A 85 -27.09 -10.26 -6.91
N GLY A 86 -26.83 -11.19 -5.99
CA GLY A 86 -25.62 -12.03 -6.04
C GLY A 86 -25.65 -12.93 -7.26
N LEU A 87 -26.51 -13.95 -7.19
CA LEU A 87 -26.72 -15.10 -8.11
C LEU A 87 -25.72 -15.23 -9.27
N THR A 88 -25.34 -16.50 -9.44
CA THR A 88 -24.41 -17.01 -10.45
C THR A 88 -25.09 -17.05 -11.82
N PRO A 89 -24.32 -17.34 -12.89
CA PRO A 89 -24.89 -17.69 -14.20
C PRO A 89 -26.19 -18.49 -14.08
N GLU A 90 -26.12 -19.68 -13.51
CA GLU A 90 -27.19 -20.69 -13.61
C GLU A 90 -28.28 -20.34 -12.58
N GLN A 91 -27.91 -20.00 -11.35
CA GLN A 91 -28.83 -20.12 -10.17
C GLN A 91 -30.21 -19.53 -10.45
N GLY A 92 -30.31 -18.50 -11.30
CA GLY A 92 -31.59 -17.92 -11.76
C GLY A 92 -32.43 -18.92 -12.55
N GLU A 93 -31.80 -19.73 -13.40
CA GLU A 93 -32.45 -20.70 -14.31
C GLU A 93 -33.45 -21.59 -13.57
N GLY A 94 -33.14 -21.99 -12.33
CA GLY A 94 -34.01 -22.83 -11.48
C GLY A 94 -35.25 -22.08 -11.04
N VAL A 95 -35.09 -20.79 -10.73
CA VAL A 95 -36.18 -19.85 -10.36
C VAL A 95 -36.93 -19.43 -11.64
N ILE A 96 -36.22 -19.24 -12.74
CA ILE A 96 -36.84 -18.83 -14.04
C ILE A 96 -37.63 -20.02 -14.61
N ALA A 97 -37.17 -21.25 -14.38
CA ALA A 97 -37.89 -22.49 -14.73
C ALA A 97 -39.29 -22.48 -14.10
N LEU A 98 -39.50 -21.76 -12.99
CA LEU A 98 -40.83 -21.68 -12.31
C LEU A 98 -41.80 -20.92 -13.23
N LYS A 99 -41.30 -20.08 -14.13
CA LYS A 99 -42.14 -19.30 -15.08
C LYS A 99 -43.12 -18.43 -14.28
N VAL A 100 -42.65 -17.76 -13.23
CA VAL A 100 -43.48 -16.73 -12.52
C VAL A 100 -43.49 -15.46 -13.37
N PRO A 101 -44.67 -14.88 -13.66
CA PRO A 101 -44.80 -13.60 -14.35
C PRO A 101 -44.30 -12.36 -13.57
N GLY A 102 -43.45 -11.52 -14.18
CA GLY A 102 -42.82 -10.36 -13.50
C GLY A 102 -41.43 -10.64 -12.95
N VAL A 103 -40.91 -11.86 -13.13
CA VAL A 103 -39.60 -12.38 -12.64
C VAL A 103 -38.66 -12.59 -13.84
N TYR A 104 -37.42 -12.14 -13.66
CA TYR A 104 -36.37 -11.95 -14.69
C TYR A 104 -34.99 -12.21 -14.09
N SER A 105 -34.12 -12.82 -14.90
CA SER A 105 -32.64 -12.91 -14.71
C SER A 105 -31.96 -12.01 -15.73
N ILE A 106 -30.81 -11.43 -15.36
CA ILE A 106 -29.85 -10.71 -16.26
C ILE A 106 -28.44 -11.16 -15.86
N GLU A 107 -27.47 -11.15 -16.78
CA GLU A 107 -26.02 -11.14 -16.45
C GLU A 107 -25.63 -9.68 -16.20
N GLU A 108 -25.14 -9.42 -14.99
CA GLU A 108 -24.31 -8.26 -14.60
C GLU A 108 -22.86 -8.75 -14.47
N PHE A 109 -21.98 -7.90 -13.97
CA PHE A 109 -20.57 -8.25 -13.62
C PHE A 109 -20.31 -7.87 -12.17
N ARG A 110 -19.54 -8.71 -11.50
CA ARG A 110 -19.10 -8.45 -10.12
C ARG A 110 -17.62 -8.84 -10.09
N ARG A 111 -16.85 -8.10 -9.32
CA ARG A 111 -15.41 -8.35 -9.17
C ARG A 111 -15.20 -9.63 -8.39
N PHE A 112 -14.27 -10.44 -8.88
CA PHE A 112 -13.55 -11.49 -8.12
C PHE A 112 -12.07 -11.08 -8.03
N TYR A 113 -11.48 -11.33 -6.86
CA TYR A 113 -10.07 -10.99 -6.48
C TYR A 113 -9.32 -12.31 -6.25
N PRO A 114 -8.68 -12.87 -7.29
CA PRO A 114 -8.08 -14.20 -7.18
C PRO A 114 -7.00 -14.33 -6.10
N ALA A 115 -6.26 -13.26 -5.78
CA ALA A 115 -5.15 -13.36 -4.83
C ALA A 115 -5.68 -13.03 -3.45
N GLY A 116 -6.91 -12.57 -3.37
CA GLY A 116 -7.58 -12.33 -2.09
C GLY A 116 -6.78 -11.42 -1.16
N GLU A 117 -6.51 -11.91 0.06
CA GLU A 117 -6.02 -11.04 1.16
C GLU A 117 -4.57 -10.62 0.91
N VAL A 118 -3.87 -11.37 0.08
CA VAL A 118 -2.42 -11.18 -0.25
C VAL A 118 -2.21 -9.78 -0.82
N VAL A 119 -3.15 -9.24 -1.58
CA VAL A 119 -2.92 -7.92 -2.18
C VAL A 119 -4.16 -7.07 -2.00
N ALA A 120 -4.84 -7.23 -0.86
CA ALA A 120 -6.12 -6.54 -0.59
C ALA A 120 -5.98 -5.02 -0.61
N HIS A 121 -4.99 -4.48 0.11
CA HIS A 121 -4.87 -3.02 0.31
C HIS A 121 -4.50 -2.33 -1.02
N ALA A 122 -3.56 -2.93 -1.77
CA ALA A 122 -3.03 -2.39 -3.04
C ALA A 122 -4.18 -2.34 -4.03
N VAL A 123 -4.85 -3.48 -4.23
CA VAL A 123 -5.89 -3.65 -5.28
C VAL A 123 -7.16 -2.91 -4.88
N GLY A 124 -7.53 -2.96 -3.61
CA GLY A 124 -8.79 -2.41 -3.13
C GLY A 124 -9.94 -3.25 -3.65
N PHE A 125 -11.09 -2.60 -3.82
CA PHE A 125 -12.35 -3.31 -4.19
C PHE A 125 -13.40 -2.32 -4.67
N THR A 126 -14.40 -2.89 -5.35
CA THR A 126 -15.61 -2.18 -5.83
C THR A 126 -16.76 -2.28 -4.82
N ASP A 127 -17.66 -1.30 -4.83
CA ASP A 127 -18.92 -1.38 -4.06
C ASP A 127 -19.91 -2.29 -4.79
N VAL A 128 -21.10 -2.43 -4.22
CA VAL A 128 -22.18 -3.27 -4.80
C VAL A 128 -22.65 -2.68 -6.14
N ASP A 129 -22.40 -1.41 -6.45
CA ASP A 129 -22.72 -0.80 -7.78
C ASP A 129 -21.56 -0.99 -8.76
N ASP A 130 -20.52 -1.78 -8.42
CA ASP A 130 -19.34 -2.08 -9.28
C ASP A 130 -18.51 -0.83 -9.53
N ARG A 131 -18.57 0.15 -8.63
CA ARG A 131 -17.71 1.34 -8.66
C ARG A 131 -16.52 1.19 -7.70
N GLY A 132 -15.33 1.67 -8.07
CA GLY A 132 -14.15 1.65 -7.19
C GLY A 132 -14.49 2.26 -5.85
N ARG A 133 -14.07 1.58 -4.78
CA ARG A 133 -14.33 2.03 -3.39
C ARG A 133 -13.02 2.33 -2.66
N GLU A 134 -12.04 1.43 -2.81
CA GLU A 134 -10.69 1.51 -2.16
C GLU A 134 -9.60 1.20 -3.19
N GLY A 135 -8.37 1.55 -2.86
CA GLY A 135 -7.18 1.03 -3.52
C GLY A 135 -7.16 1.44 -4.96
N ILE A 136 -6.47 0.65 -5.76
CA ILE A 136 -6.32 0.87 -7.24
C ILE A 136 -7.72 1.00 -7.85
N GLU A 137 -8.63 0.21 -7.37
CA GLU A 137 -10.02 0.15 -7.93
C GLU A 137 -10.61 1.56 -7.93
N LEU A 138 -10.37 2.34 -6.86
CA LEU A 138 -10.88 3.72 -6.75
C LEU A 138 -9.94 4.65 -7.53
N ALA A 139 -8.61 4.57 -7.29
CA ALA A 139 -7.62 5.49 -7.88
C ALA A 139 -7.75 5.49 -9.41
N PHE A 140 -8.00 4.35 -10.03
CA PHE A 140 -8.07 4.21 -11.52
C PHE A 140 -9.50 3.89 -11.94
N ASP A 141 -10.50 4.33 -11.16
CA ASP A 141 -11.92 3.98 -11.46
C ASP A 141 -12.28 4.35 -12.90
N GLU A 142 -11.93 5.59 -13.33
CA GLU A 142 -12.34 6.06 -14.69
C GLU A 142 -11.75 5.14 -15.76
N TRP A 143 -10.48 4.87 -15.66
CA TRP A 143 -9.76 3.95 -16.60
C TRP A 143 -10.44 2.58 -16.63
N LEU A 144 -10.73 2.05 -15.45
CA LEU A 144 -11.23 0.66 -15.37
C LEU A 144 -12.73 0.58 -15.73
N ALA A 145 -13.52 1.64 -15.54
CA ALA A 145 -15.01 1.57 -15.55
C ALA A 145 -15.52 1.46 -16.97
N GLY A 146 -14.86 2.14 -17.89
CA GLY A 146 -15.41 2.13 -19.26
C GLY A 146 -16.62 3.03 -19.34
N VAL A 147 -17.49 2.86 -20.32
CA VAL A 147 -18.66 3.75 -20.44
C VAL A 147 -19.90 2.89 -20.61
N PRO A 148 -20.86 3.01 -19.66
CA PRO A 148 -22.15 2.35 -19.80
C PRO A 148 -22.73 2.64 -21.19
N GLY A 149 -23.17 1.60 -21.90
CA GLY A 149 -24.04 1.72 -23.08
C GLY A 149 -25.47 2.08 -22.71
N LYS A 150 -26.31 2.39 -23.71
CA LYS A 150 -27.74 2.76 -23.51
C LYS A 150 -28.55 2.21 -24.68
N ARG A 151 -29.76 1.70 -24.41
CA ARG A 151 -30.74 1.34 -25.47
C ARG A 151 -32.17 1.75 -25.11
N GLN A 152 -32.95 2.04 -26.14
CA GLN A 152 -34.34 2.52 -26.01
C GLN A 152 -35.26 1.31 -26.13
N VAL A 153 -36.15 1.19 -25.15
CA VAL A 153 -37.13 0.09 -25.12
C VAL A 153 -38.53 0.71 -25.04
N LEU A 154 -39.50 0.01 -25.60
CA LEU A 154 -40.93 0.37 -25.46
C LEU A 154 -41.52 -0.51 -24.37
N LYS A 155 -42.02 0.10 -23.29
CA LYS A 155 -42.57 -0.59 -22.10
C LYS A 155 -44.10 -0.52 -22.21
N ASP A 156 -44.73 -1.62 -21.86
CA ASP A 156 -46.21 -1.70 -21.73
C ASP A 156 -46.60 -0.87 -20.50
N ARG A 157 -47.90 -0.88 -20.19
CA ARG A 157 -48.49 -0.14 -19.04
C ARG A 157 -48.04 -0.68 -17.67
N ARG A 158 -47.18 -1.71 -17.61
CA ARG A 158 -46.51 -2.14 -16.34
C ARG A 158 -45.02 -1.78 -16.38
N GLY A 159 -44.59 -1.07 -17.43
CA GLY A 159 -43.16 -0.80 -17.70
C GLY A 159 -42.37 -2.06 -18.00
N ARG A 160 -43.01 -3.11 -18.53
CA ARG A 160 -42.28 -4.29 -19.07
C ARG A 160 -42.03 -4.19 -20.59
N VAL A 161 -40.83 -4.62 -20.96
CA VAL A 161 -40.22 -4.48 -22.31
C VAL A 161 -41.01 -5.30 -23.35
N ILE A 162 -41.65 -4.59 -24.29
CA ILE A 162 -42.42 -5.15 -25.44
C ILE A 162 -41.52 -5.25 -26.68
N LYS A 163 -40.65 -4.26 -26.86
CA LYS A 163 -39.76 -4.13 -28.02
C LYS A 163 -38.49 -3.34 -27.67
N ASP A 164 -37.36 -3.76 -28.25
CA ASP A 164 -36.07 -3.03 -28.24
C ASP A 164 -36.06 -2.15 -29.50
N VAL A 165 -36.04 -0.82 -29.32
CA VAL A 165 -36.24 0.18 -30.42
C VAL A 165 -34.92 0.41 -31.17
N GLN A 166 -33.81 0.43 -30.44
CA GLN A 166 -32.47 0.82 -30.96
C GLN A 166 -31.49 0.77 -29.78
N VAL A 167 -30.23 0.42 -30.02
CA VAL A 167 -29.07 0.78 -29.15
C VAL A 167 -28.80 2.26 -29.47
N THR A 168 -28.70 3.14 -28.46
CA THR A 168 -28.46 4.59 -28.65
C THR A 168 -26.97 4.88 -28.46
N LYS A 169 -26.21 3.88 -27.97
CA LYS A 169 -24.81 3.97 -27.51
C LYS A 169 -24.38 2.55 -27.07
N ASN A 170 -23.39 1.96 -27.75
CA ASN A 170 -22.80 0.66 -27.33
C ASN A 170 -21.96 0.88 -26.07
N ALA A 171 -21.89 -0.11 -25.18
CA ALA A 171 -21.04 -0.04 -23.97
C ALA A 171 -19.58 -0.13 -24.46
N LYS A 172 -18.71 0.63 -23.82
CA LYS A 172 -17.24 0.64 -24.00
C LYS A 172 -16.68 -0.08 -22.79
N PRO A 173 -15.97 -1.22 -22.99
CA PRO A 173 -15.35 -1.93 -21.87
C PRO A 173 -14.31 -0.99 -21.21
N GLY A 174 -14.10 -1.18 -19.93
CA GLY A 174 -12.99 -0.52 -19.22
C GLY A 174 -11.67 -1.07 -19.74
N LYS A 175 -10.58 -0.41 -19.40
CA LYS A 175 -9.24 -0.80 -19.88
C LYS A 175 -8.53 -1.68 -18.83
N THR A 176 -7.77 -2.68 -19.30
CA THR A 176 -6.80 -3.48 -18.54
C THR A 176 -5.77 -2.53 -17.92
N LEU A 177 -5.37 -2.88 -16.73
CA LEU A 177 -4.36 -2.17 -15.93
C LEU A 177 -3.38 -3.17 -15.31
N ALA A 178 -2.09 -3.03 -15.66
CA ALA A 178 -0.99 -3.86 -15.13
C ALA A 178 -0.36 -3.06 -13.97
N LEU A 179 -0.44 -3.59 -12.76
CA LEU A 179 0.20 -2.91 -11.60
C LEU A 179 1.72 -3.08 -11.67
N SER A 180 2.45 -2.29 -10.89
CA SER A 180 3.91 -2.50 -10.67
C SER A 180 4.15 -3.77 -9.86
N ILE A 181 3.17 -4.13 -9.02
CA ILE A 181 3.24 -5.29 -8.07
C ILE A 181 3.69 -6.54 -8.79
N ASP A 182 4.70 -7.20 -8.26
CA ASP A 182 5.12 -8.55 -8.64
C ASP A 182 4.40 -9.50 -7.67
N LEU A 183 3.48 -10.28 -8.17
CA LEU A 183 2.69 -11.14 -7.27
C LEU A 183 3.59 -12.15 -6.50
N ARG A 184 4.68 -12.63 -7.11
CA ARG A 184 5.63 -13.59 -6.47
C ARG A 184 6.26 -12.89 -5.25
N LEU A 185 6.74 -11.65 -5.42
CA LEU A 185 7.36 -10.87 -4.29
C LEU A 185 6.27 -10.49 -3.26
N GLN A 186 5.08 -10.17 -3.73
CA GLN A 186 3.94 -9.81 -2.85
C GLN A 186 3.60 -10.99 -1.92
N TYR A 187 3.54 -12.22 -2.43
CA TYR A 187 3.25 -13.46 -1.66
C TYR A 187 4.33 -13.64 -0.59
N LEU A 188 5.59 -13.55 -1.03
CA LEU A 188 6.78 -13.70 -0.16
C LEU A 188 6.70 -12.69 1.00
N ALA A 189 6.46 -11.43 0.66
CA ALA A 189 6.38 -10.34 1.63
C ALA A 189 5.23 -10.60 2.59
N HIS A 190 4.05 -10.98 2.06
CA HIS A 190 2.83 -11.19 2.86
C HIS A 190 3.11 -12.31 3.85
N ARG A 191 3.68 -13.40 3.38
CA ARG A 191 3.93 -14.62 4.17
C ARG A 191 4.95 -14.26 5.26
N GLU A 192 6.04 -13.61 4.87
CA GLU A 192 7.16 -13.34 5.81
C GLU A 192 6.75 -12.26 6.82
N LEU A 193 5.96 -11.26 6.43
CA LEU A 193 5.48 -10.26 7.42
C LEU A 193 4.58 -11.00 8.40
N ARG A 194 3.62 -11.79 7.92
CA ARG A 194 2.68 -12.48 8.84
C ARG A 194 3.47 -13.34 9.84
N ASN A 195 4.49 -14.11 9.41
CA ASN A 195 5.32 -14.96 10.30
C ASN A 195 6.09 -14.10 11.30
N ALA A 196 6.64 -12.97 10.89
CA ALA A 196 7.39 -12.08 11.82
C ALA A 196 6.45 -11.57 12.94
N LEU A 197 5.22 -11.16 12.59
CA LEU A 197 4.28 -10.59 13.57
C LEU A 197 3.95 -11.67 14.61
N LEU A 198 3.82 -12.92 14.18
CA LEU A 198 3.52 -14.05 15.11
C LEU A 198 4.73 -14.33 16.00
N GLU A 199 5.90 -14.50 15.38
CA GLU A 199 7.19 -14.74 16.09
C GLU A 199 7.41 -13.64 17.14
N ASN A 200 7.00 -12.40 16.85
CA ASN A 200 7.42 -11.22 17.65
C ASN A 200 6.27 -10.69 18.50
N GLY A 201 5.14 -11.38 18.47
CA GLY A 201 3.89 -11.06 19.17
C GLY A 201 3.34 -9.69 18.81
N ALA A 202 3.49 -9.24 17.57
CA ALA A 202 3.14 -7.86 17.15
C ALA A 202 1.70 -7.80 16.64
N LYS A 203 1.05 -6.61 16.72
CA LYS A 203 -0.39 -6.39 16.37
C LYS A 203 -0.54 -6.03 14.87
N ALA A 204 0.37 -5.27 14.28
CA ALA A 204 0.18 -4.77 12.91
C ALA A 204 1.55 -4.63 12.26
N GLY A 205 1.58 -4.38 10.96
CA GLY A 205 2.85 -4.06 10.29
C GLY A 205 2.66 -3.81 8.82
N SER A 206 3.74 -3.34 8.20
CA SER A 206 3.82 -3.00 6.75
C SER A 206 5.15 -3.51 6.20
N LEU A 207 5.16 -3.87 4.91
CA LEU A 207 6.41 -4.12 4.22
C LEU A 207 6.24 -3.58 2.80
N VAL A 208 7.14 -2.70 2.39
CA VAL A 208 7.16 -2.09 1.02
C VAL A 208 8.47 -2.51 0.34
N ILE A 209 8.38 -2.97 -0.92
CA ILE A 209 9.53 -3.26 -1.79
C ILE A 209 9.43 -2.33 -2.99
N MET A 210 10.52 -1.67 -3.30
CA MET A 210 10.55 -0.79 -4.49
C MET A 210 11.71 -1.18 -5.38
N ASP A 211 11.49 -1.01 -6.68
CA ASP A 211 12.58 -1.07 -7.68
C ASP A 211 13.24 0.29 -7.70
N VAL A 212 14.53 0.38 -7.32
CA VAL A 212 15.18 1.70 -7.13
C VAL A 212 15.46 2.38 -8.46
N LYS A 213 15.50 1.60 -9.55
CA LYS A 213 15.75 2.14 -10.93
C LYS A 213 14.50 2.70 -11.60
N THR A 214 13.33 2.14 -11.30
CA THR A 214 12.07 2.43 -12.06
C THR A 214 11.05 3.19 -11.22
N GLY A 215 11.20 3.23 -9.89
CA GLY A 215 10.20 3.89 -9.01
C GLY A 215 9.02 2.98 -8.75
N GLU A 216 9.09 1.74 -9.22
CA GLU A 216 7.93 0.84 -9.11
C GLU A 216 7.82 0.26 -7.69
N ILE A 217 6.59 0.22 -7.20
CA ILE A 217 6.24 -0.54 -5.97
C ILE A 217 6.04 -2.00 -6.34
N LEU A 218 7.01 -2.84 -6.02
CA LEU A 218 7.01 -4.26 -6.39
C LEU A 218 6.14 -5.05 -5.40
N ALA A 219 6.04 -4.58 -4.17
CA ALA A 219 5.20 -5.21 -3.12
C ALA A 219 4.81 -4.16 -2.09
N MET A 220 3.58 -4.29 -1.60
CA MET A 220 3.04 -3.42 -0.52
C MET A 220 2.00 -4.27 0.25
N THR A 221 2.46 -4.79 1.37
CA THR A 221 1.67 -5.70 2.23
C THR A 221 1.46 -5.03 3.59
N ASN A 222 0.25 -5.14 4.11
CA ASN A 222 -0.07 -4.70 5.48
C ASN A 222 -0.72 -5.86 6.20
N GLN A 223 -0.58 -5.82 7.52
CA GLN A 223 -1.24 -6.76 8.46
C GLN A 223 -1.81 -5.89 9.57
N PRO A 224 -3.04 -6.16 10.05
CA PRO A 224 -3.85 -7.23 9.50
C PRO A 224 -4.37 -6.90 8.10
N THR A 225 -4.89 -7.93 7.42
CA THR A 225 -5.52 -7.83 6.08
C THR A 225 -6.90 -8.50 6.13
N TYR A 226 -7.52 -8.64 4.98
CA TYR A 226 -8.95 -8.96 4.83
C TYR A 226 -9.09 -9.60 3.46
N ASN A 227 -10.10 -10.46 3.37
CA ASN A 227 -10.46 -11.06 2.08
C ASN A 227 -11.45 -10.13 1.39
N PRO A 228 -11.05 -9.47 0.28
CA PRO A 228 -11.93 -8.52 -0.41
C PRO A 228 -13.14 -9.25 -1.02
N ASN A 229 -13.07 -10.58 -1.17
CA ASN A 229 -14.19 -11.43 -1.69
C ASN A 229 -15.28 -11.64 -0.63
N ASN A 230 -15.00 -11.35 0.62
CA ASN A 230 -15.91 -11.66 1.73
C ASN A 230 -15.75 -10.61 2.83
N ARG A 231 -16.40 -9.47 2.66
CA ARG A 231 -16.18 -8.26 3.50
C ARG A 231 -17.23 -8.17 4.61
N ARG A 232 -17.98 -9.22 4.80
CA ARG A 232 -19.12 -9.23 5.74
C ARG A 232 -18.78 -8.62 7.11
N ASN A 233 -17.83 -9.20 7.84
CA ASN A 233 -17.57 -8.81 9.26
C ASN A 233 -16.23 -8.10 9.35
N LEU A 234 -15.92 -7.21 8.39
CA LEU A 234 -14.64 -6.45 8.33
C LEU A 234 -14.65 -5.31 9.36
N GLN A 235 -13.49 -5.02 9.95
CA GLN A 235 -13.26 -3.91 10.92
C GLN A 235 -12.29 -2.90 10.33
N PRO A 236 -12.32 -1.61 10.74
CA PRO A 236 -11.40 -0.61 10.19
C PRO A 236 -9.92 -1.00 10.27
N ALA A 237 -9.50 -1.65 11.36
CA ALA A 237 -8.11 -2.13 11.58
C ALA A 237 -7.57 -2.86 10.34
N ALA A 238 -8.34 -3.83 9.82
CA ALA A 238 -7.91 -4.74 8.74
C ALA A 238 -7.99 -4.04 7.39
N MET A 239 -8.73 -2.93 7.31
CA MET A 239 -9.00 -2.19 6.03
CA MET A 239 -8.96 -2.24 6.00
C MET A 239 -7.90 -1.15 5.79
N ARG A 240 -7.21 -0.79 6.87
CA ARG A 240 -6.15 0.24 6.96
C ARG A 240 -5.00 -0.13 6.02
N ASN A 241 -4.82 0.67 4.98
CA ASN A 241 -3.63 0.58 4.10
C ASN A 241 -2.49 1.31 4.80
N ARG A 242 -1.96 0.70 5.87
CA ARG A 242 -0.98 1.31 6.82
C ARG A 242 0.26 1.90 6.10
N ALA A 243 0.74 1.26 5.03
CA ALA A 243 1.98 1.65 4.33
C ALA A 243 1.78 3.06 3.77
N MET A 244 0.54 3.45 3.42
CA MET A 244 0.25 4.77 2.85
C MET A 244 -0.47 5.74 3.79
N ILE A 245 -1.06 5.25 4.90
CA ILE A 245 -1.88 6.15 5.77
C ILE A 245 -1.26 6.28 7.18
N ASP A 246 -0.63 5.24 7.75
CA ASP A 246 0.00 5.37 9.10
C ASP A 246 1.19 6.33 8.99
N VAL A 247 1.16 7.48 9.65
CA VAL A 247 2.36 8.37 9.62
C VAL A 247 3.12 8.13 10.92
N PHE A 248 4.45 8.20 10.89
CA PHE A 248 5.27 8.03 12.12
C PHE A 248 6.54 8.85 12.00
N GLU A 249 7.21 9.08 13.13
CA GLU A 249 8.54 9.73 13.17
C GLU A 249 9.54 8.67 12.76
N PRO A 250 10.33 8.90 11.69
CA PRO A 250 11.20 7.85 11.17
C PRO A 250 12.43 7.56 12.05
N GLY A 251 12.72 8.47 12.97
CA GLY A 251 13.80 8.28 13.94
C GLY A 251 15.10 7.96 13.24
N SER A 252 15.76 6.91 13.71
CA SER A 252 17.14 6.57 13.30
C SER A 252 17.25 6.32 11.78
N THR A 253 16.20 5.82 11.16
CA THR A 253 16.16 5.49 9.71
C THR A 253 16.43 6.73 8.85
N VAL A 254 16.30 7.98 9.32
CA VAL A 254 16.67 9.14 8.46
C VAL A 254 18.11 9.62 8.69
N LYS A 255 18.87 9.02 9.61
CA LYS A 255 20.27 9.46 9.84
C LYS A 255 21.05 9.42 8.53
N PRO A 256 20.81 8.46 7.61
CA PRO A 256 21.58 8.45 6.35
C PRO A 256 21.41 9.72 5.48
N PHE A 257 20.27 10.39 5.57
CA PHE A 257 19.99 11.66 4.87
C PHE A 257 20.76 12.77 5.53
N SER A 258 20.81 12.76 6.85
CA SER A 258 21.59 13.76 7.62
C SER A 258 23.06 13.59 7.22
N MET A 259 23.50 12.36 7.10
CA MET A 259 24.91 12.04 6.80
C MET A 259 25.18 12.44 5.34
N SER A 260 24.22 12.24 4.44
CA SER A 260 24.38 12.68 3.02
C SER A 260 24.66 14.20 3.00
N ALA A 261 23.90 15.00 3.74
CA ALA A 261 24.07 16.46 3.83
C ALA A 261 25.47 16.76 4.41
N ALA A 262 25.96 15.96 5.36
CA ALA A 262 27.26 16.23 5.99
C ALA A 262 28.34 15.99 4.97
N LEU A 263 28.26 14.89 4.22
CA LEU A 263 29.32 14.57 3.24
C LEU A 263 29.26 15.51 2.04
N ALA A 264 28.13 16.16 1.75
CA ALA A 264 28.00 17.12 0.62
C ALA A 264 28.57 18.48 1.06
N SER A 265 28.73 18.72 2.37
CA SER A 265 28.93 20.09 2.92
C SER A 265 30.35 20.59 2.64
N GLY A 266 31.32 19.68 2.44
CA GLY A 266 32.76 19.99 2.35
C GLY A 266 33.48 19.90 3.69
N ARG A 267 32.75 19.65 4.78
CA ARG A 267 33.27 19.76 6.16
C ARG A 267 33.50 18.37 6.81
N TRP A 268 33.05 17.27 6.20
CA TRP A 268 33.04 15.94 6.84
C TRP A 268 33.52 14.86 5.88
N LYS A 269 34.29 13.92 6.39
CA LYS A 269 34.61 12.63 5.69
C LYS A 269 34.31 11.50 6.66
N PRO A 270 34.08 10.27 6.16
CA PRO A 270 33.69 9.16 7.02
C PRO A 270 34.65 8.91 8.19
N SER A 271 35.94 9.18 8.00
CA SER A 271 36.95 8.92 9.05
C SER A 271 37.01 10.05 10.08
N ASP A 272 36.32 11.17 9.90
CA ASP A 272 36.20 12.22 10.94
C ASP A 272 35.54 11.63 12.18
N ILE A 273 35.97 12.19 13.31
CA ILE A 273 35.64 11.73 14.69
C ILE A 273 34.74 12.75 15.34
N VAL A 274 33.71 12.28 16.04
CA VAL A 274 32.89 13.13 16.95
C VAL A 274 32.98 12.49 18.33
N ASP A 275 33.15 13.32 19.34
CA ASP A 275 33.06 12.90 20.76
C ASP A 275 31.60 12.98 21.22
N VAL A 276 30.98 11.85 21.54
CA VAL A 276 29.55 11.79 21.94
C VAL A 276 29.47 11.52 23.45
N TYR A 277 30.58 11.47 24.14
CA TYR A 277 30.54 11.25 25.61
C TYR A 277 29.81 12.39 26.29
N PRO A 278 28.96 12.19 27.32
CA PRO A 278 28.66 10.89 27.91
C PRO A 278 27.37 10.22 27.44
N GLY A 279 27.00 10.49 26.19
CA GLY A 279 25.79 9.89 25.58
C GLY A 279 24.56 10.72 25.85
N THR A 280 24.75 11.92 26.38
CA THR A 280 23.71 12.95 26.44
C THR A 280 24.31 14.28 26.00
N LEU A 281 23.43 15.18 25.59
CA LEU A 281 23.82 16.56 25.26
C LEU A 281 22.62 17.45 25.57
N GLN A 282 22.82 18.41 26.47
CA GLN A 282 21.74 19.32 26.93
C GLN A 282 21.64 20.47 25.92
N ILE A 283 20.41 20.76 25.49
CA ILE A 283 20.03 21.91 24.62
C ILE A 283 18.98 22.70 25.39
N GLY A 284 19.39 23.75 26.09
CA GLY A 284 18.52 24.43 27.07
C GLY A 284 17.84 23.39 27.93
N ARG A 285 16.50 23.34 27.95
CA ARG A 285 15.71 22.44 28.83
C ARG A 285 15.55 21.06 28.20
N TYR A 286 15.89 20.89 26.92
CA TYR A 286 15.77 19.59 26.22
C TYR A 286 17.14 18.90 26.37
N THR A 287 17.10 17.59 26.60
CA THR A 287 18.33 16.74 26.66
C THR A 287 18.31 15.73 25.51
N ILE A 288 19.28 15.77 24.62
CA ILE A 288 19.49 14.68 23.65
C ILE A 288 20.08 13.48 24.38
N ARG A 289 19.51 12.30 24.12
CA ARG A 289 19.89 11.06 24.81
C ARG A 289 20.10 9.95 23.78
N ASP A 290 21.24 9.27 23.89
CA ASP A 290 21.63 8.14 23.02
C ASP A 290 21.03 6.84 23.54
N VAL A 291 20.69 5.96 22.58
CA VAL A 291 20.14 4.61 22.86
C VAL A 291 21.18 3.81 23.65
N SER A 292 22.46 3.96 23.32
CA SER A 292 23.59 3.37 24.07
C SER A 292 24.54 4.50 24.49
N ARG A 293 25.06 4.48 25.73
CA ARG A 293 25.79 5.66 26.28
C ARG A 293 27.16 5.21 26.85
N ASN A 294 27.86 4.38 26.11
CA ASN A 294 29.14 3.72 26.44
C ASN A 294 30.22 4.16 25.44
N SER A 295 30.10 5.35 24.82
CA SER A 295 31.00 5.79 23.73
C SER A 295 31.60 7.16 24.06
N ARG A 296 32.80 7.37 23.54
CA ARG A 296 33.38 8.72 23.47
C ARG A 296 33.57 9.04 22.00
N GLN A 297 34.77 8.77 21.48
CA GLN A 297 35.02 9.04 20.03
C GLN A 297 34.34 7.99 19.18
N LEU A 298 33.66 8.48 18.15
CA LEU A 298 33.12 7.61 17.09
C LEU A 298 33.47 8.28 15.76
N ASP A 299 33.85 7.50 14.77
CA ASP A 299 33.87 8.02 13.37
C ASP A 299 32.44 8.05 12.81
N LEU A 300 32.28 8.58 11.60
CA LEU A 300 30.92 8.84 11.07
C LEU A 300 30.24 7.51 10.86
N THR A 301 30.99 6.45 10.49
CA THR A 301 30.39 5.09 10.32
C THR A 301 29.89 4.60 11.68
N GLY A 302 30.74 4.78 12.68
CA GLY A 302 30.39 4.40 14.08
C GLY A 302 29.15 5.11 14.58
N ILE A 303 28.99 6.38 14.22
CA ILE A 303 27.76 7.12 14.59
C ILE A 303 26.54 6.40 14.00
N LEU A 304 26.63 5.82 12.81
CA LEU A 304 25.45 5.07 12.31
C LEU A 304 25.36 3.69 12.96
N ILE A 305 26.50 3.02 13.20
CA ILE A 305 26.52 1.64 13.78
C ILE A 305 25.91 1.73 15.19
N LYS A 306 26.37 2.66 16.02
CA LYS A 306 25.88 2.90 17.41
C LYS A 306 24.57 3.67 17.36
N SER A 307 24.26 4.29 16.22
CA SER A 307 23.07 5.14 16.04
C SER A 307 23.02 6.22 17.11
N SER A 308 24.15 6.93 17.31
CA SER A 308 24.26 8.02 18.30
C SER A 308 23.51 9.28 17.86
N ASN A 309 22.43 9.62 18.58
CA ASN A 309 21.69 10.89 18.41
C ASN A 309 22.62 12.06 18.67
N VAL A 310 23.44 11.97 19.72
CA VAL A 310 24.37 13.08 20.04
C VAL A 310 25.33 13.32 18.86
N GLY A 311 25.93 12.27 18.34
CA GLY A 311 26.90 12.37 17.20
C GLY A 311 26.25 13.02 16.00
N ILE A 312 25.06 12.57 15.58
CA ILE A 312 24.43 13.16 14.38
C ILE A 312 23.99 14.59 14.70
N SER A 313 23.59 14.88 15.96
CA SER A 313 23.17 16.25 16.35
C SER A 313 24.36 17.22 16.24
N LYS A 314 25.56 16.81 16.66
CA LYS A 314 26.75 17.66 16.63
C LYS A 314 27.14 17.93 15.17
N ILE A 315 27.03 16.93 14.32
CA ILE A 315 27.28 17.13 12.87
C ILE A 315 26.24 18.14 12.35
N ALA A 316 24.96 18.02 12.74
CA ALA A 316 23.86 18.90 12.25
C ALA A 316 24.17 20.36 12.63
N PHE A 317 24.57 20.58 13.87
CA PHE A 317 24.88 21.94 14.39
C PHE A 317 25.95 22.54 13.49
N ASP A 318 26.92 21.71 13.07
CA ASP A 318 28.07 22.17 12.26
C ASP A 318 27.60 22.53 10.85
N ILE A 319 26.78 21.72 10.19
CA ILE A 319 26.41 21.90 8.75
C ILE A 319 25.15 22.74 8.60
N GLY A 320 24.31 22.83 9.64
CA GLY A 320 23.04 23.56 9.62
C GLY A 320 21.94 22.67 9.12
N ALA A 321 20.75 22.83 9.71
CA ALA A 321 19.54 22.04 9.45
C ALA A 321 19.14 22.20 7.98
N GLU A 322 19.44 23.37 7.40
CA GLU A 322 18.89 23.72 6.07
C GLU A 322 19.40 22.71 5.03
N SER A 323 20.65 22.28 5.12
CA SER A 323 21.26 21.26 4.23
C SER A 323 20.53 19.93 4.38
N ILE A 324 20.18 19.58 5.63
CA ILE A 324 19.48 18.31 5.97
C ILE A 324 18.03 18.39 5.50
N TYR A 325 17.35 19.47 5.86
CA TYR A 325 15.96 19.71 5.38
C TYR A 325 15.89 19.51 3.85
N SER A 326 16.84 20.10 3.13
CA SER A 326 16.88 20.14 1.64
C SER A 326 17.03 18.72 1.07
N VAL A 327 17.94 17.90 1.62
CA VAL A 327 18.06 16.47 1.24
C VAL A 327 16.72 15.76 1.55
N MET A 328 16.19 15.88 2.78
CA MET A 328 14.95 15.13 3.15
C MET A 328 13.80 15.53 2.23
N GLN A 329 13.68 16.81 1.90
CA GLN A 329 12.64 17.33 1.01
C GLN A 329 12.84 16.75 -0.39
N GLN A 330 14.05 16.74 -0.88
CA GLN A 330 14.35 16.27 -2.25
C GLN A 330 14.12 14.76 -2.41
N VAL A 331 14.22 13.96 -1.35
CA VAL A 331 14.04 12.48 -1.49
C VAL A 331 12.58 12.13 -1.21
N GLY A 332 11.78 13.13 -0.82
CA GLY A 332 10.33 13.07 -0.75
C GLY A 332 9.72 12.93 0.64
N LEU A 333 10.51 13.02 1.72
CA LEU A 333 9.98 12.80 3.10
C LEU A 333 9.01 13.95 3.43
N GLY A 334 7.84 13.65 3.98
CA GLY A 334 6.78 14.66 4.16
C GLY A 334 6.26 15.29 2.88
N GLN A 335 6.35 14.65 1.71
CA GLN A 335 5.93 15.25 0.41
C GLN A 335 4.90 14.35 -0.29
N ASP A 336 4.07 14.96 -1.12
CA ASP A 336 3.08 14.27 -1.98
C ASP A 336 3.81 13.33 -2.97
N THR A 337 3.42 12.06 -2.99
CA THR A 337 4.02 11.00 -3.84
C THR A 337 3.50 11.10 -5.27
N GLY A 338 2.31 11.68 -5.42
CA GLY A 338 1.64 11.84 -6.71
C GLY A 338 0.90 10.58 -7.12
N LEU A 339 0.85 9.55 -6.27
CA LEU A 339 0.18 8.22 -6.58
C LEU A 339 -1.34 8.39 -6.50
N GLY A 340 -1.78 9.49 -5.88
CA GLY A 340 -3.19 9.79 -5.66
C GLY A 340 -3.94 8.55 -5.21
N PHE A 341 -3.38 7.80 -4.27
CA PHE A 341 -4.14 6.67 -3.67
C PHE A 341 -5.16 7.26 -2.70
N PRO A 342 -6.37 6.69 -2.54
CA PRO A 342 -7.33 7.20 -1.55
C PRO A 342 -6.79 7.11 -0.11
N GLY A 343 -6.91 8.20 0.63
CA GLY A 343 -6.50 8.23 2.05
C GLY A 343 -5.00 8.29 2.24
N GLU A 344 -4.20 8.43 1.15
CA GLU A 344 -2.70 8.50 1.26
C GLU A 344 -2.37 9.77 2.04
N ARG A 345 -1.51 9.68 3.05
N ARG A 345 -1.48 9.65 3.02
CA ARG A 345 -1.05 10.85 3.85
CA ARG A 345 -0.99 10.79 3.85
C ARG A 345 0.36 11.26 3.38
C ARG A 345 0.37 11.26 3.32
N VAL A 346 0.68 12.55 3.54
CA VAL A 346 1.91 13.24 3.04
C VAL A 346 2.90 13.43 4.21
N GLY A 347 2.43 13.24 5.45
CA GLY A 347 3.24 13.42 6.67
C GLY A 347 3.55 14.88 6.91
N ASN A 348 4.72 15.18 7.49
CA ASN A 348 5.08 16.58 7.81
C ASN A 348 6.60 16.69 7.90
N LEU A 349 7.21 17.51 7.04
CA LEU A 349 8.64 17.87 7.14
C LEU A 349 8.66 19.35 7.48
N PRO A 350 8.75 19.71 8.79
CA PRO A 350 8.68 21.10 9.20
C PRO A 350 9.77 21.88 8.47
N ASN A 351 9.43 23.09 8.05
CA ASN A 351 10.46 24.09 7.66
C ASN A 351 10.54 25.18 8.75
N HIS A 352 11.65 25.90 8.74
CA HIS A 352 11.89 27.11 9.57
C HIS A 352 12.62 28.16 8.75
N ARG A 353 12.42 29.43 9.09
CA ARG A 353 13.29 30.48 8.56
C ARG A 353 14.63 30.26 9.26
N LYS A 354 14.61 30.40 10.57
CA LYS A 354 15.78 30.25 11.46
C LYS A 354 15.58 28.94 12.22
N TRP A 355 16.34 27.91 11.86
CA TRP A 355 16.25 26.59 12.54
C TRP A 355 16.81 26.73 13.96
N PRO A 356 15.95 26.59 15.00
CA PRO A 356 16.43 26.57 16.39
C PRO A 356 17.36 25.37 16.63
N LYS A 357 18.09 25.34 17.76
CA LYS A 357 19.14 24.32 18.01
C LYS A 357 18.49 22.95 18.32
N ALA A 358 17.50 22.91 19.21
CA ALA A 358 16.72 21.68 19.55
C ALA A 358 16.20 21.02 18.27
N GLU A 359 15.63 21.83 17.38
CA GLU A 359 14.90 21.36 16.17
C GLU A 359 15.93 20.86 15.13
N THR A 360 17.07 21.53 15.05
CA THR A 360 18.20 21.13 14.19
C THR A 360 18.54 19.69 14.56
N ALA A 361 18.74 19.43 15.85
CA ALA A 361 19.12 18.11 16.36
C ALA A 361 17.99 17.11 16.10
N THR A 362 16.78 17.41 16.56
CA THR A 362 15.65 16.44 16.46
C THR A 362 15.44 16.05 14.99
N LEU A 363 15.51 17.01 14.08
CA LEU A 363 15.40 16.72 12.63
C LEU A 363 16.48 15.71 12.24
N ALA A 364 17.71 15.93 12.70
CA ALA A 364 18.86 15.13 12.24
C ALA A 364 18.71 13.68 12.69
N TYR A 365 18.03 13.39 13.81
CA TYR A 365 17.88 11.98 14.27
C TYR A 365 16.43 11.52 14.18
N GLY A 366 15.61 12.24 13.42
CA GLY A 366 14.35 11.76 12.84
C GLY A 366 13.16 11.92 13.76
N TYR A 367 13.21 12.87 14.72
CA TYR A 367 12.09 13.22 15.62
C TYR A 367 11.39 14.49 15.13
N GLY A 368 12.10 15.32 14.35
CA GLY A 368 11.51 16.55 13.78
C GLY A 368 10.36 16.38 12.76
N LEU A 369 9.96 15.17 12.35
CA LEU A 369 9.11 15.03 11.12
C LEU A 369 8.29 13.75 11.18
N SER A 370 7.40 13.56 10.22
CA SER A 370 6.55 12.36 10.15
C SER A 370 6.41 11.94 8.69
N VAL A 371 6.40 10.63 8.51
CA VAL A 371 6.52 9.99 7.17
C VAL A 371 5.67 8.75 7.15
N THR A 372 5.38 8.28 5.95
CA THR A 372 4.74 6.97 5.72
C THR A 372 5.84 5.98 5.34
N ALA A 373 5.53 4.70 5.40
CA ALA A 373 6.44 3.62 5.01
C ALA A 373 6.73 3.77 3.51
N ILE A 374 5.72 4.19 2.72
CA ILE A 374 5.95 4.45 1.26
C ILE A 374 7.00 5.55 1.08
N GLN A 375 6.85 6.68 1.77
CA GLN A 375 7.79 7.81 1.64
C GLN A 375 9.17 7.34 2.09
N LEU A 376 9.26 6.58 3.18
CA LEU A 376 10.60 6.11 3.63
C LEU A 376 11.23 5.16 2.60
N ALA A 377 10.46 4.28 1.99
CA ALA A 377 10.98 3.37 0.95
C ALA A 377 11.50 4.19 -0.26
N HIS A 378 10.72 5.18 -0.67
CA HIS A 378 11.04 6.08 -1.83
C HIS A 378 12.36 6.81 -1.55
N ALA A 379 12.55 7.26 -0.32
CA ALA A 379 13.77 8.00 0.08
C ALA A 379 14.96 7.05 0.00
N TYR A 380 14.81 5.82 0.49
CA TYR A 380 15.87 4.80 0.44
C TYR A 380 16.12 4.42 -1.02
N ALA A 381 15.09 4.39 -1.87
CA ALA A 381 15.29 4.11 -3.31
C ALA A 381 16.27 5.13 -3.93
N ALA A 382 16.08 6.42 -3.63
CA ALA A 382 16.86 7.55 -4.15
C ALA A 382 18.32 7.33 -3.74
N LEU A 383 18.55 6.93 -2.48
CA LEU A 383 19.90 6.73 -1.97
C LEU A 383 20.54 5.51 -2.66
N ALA A 384 19.78 4.45 -2.85
CA ALA A 384 20.22 3.19 -3.47
C ALA A 384 20.52 3.41 -4.97
N ASN A 385 19.76 4.28 -5.61
CA ASN A 385 19.78 4.54 -7.08
C ASN A 385 20.87 5.61 -7.35
N ASP A 386 21.99 5.55 -6.64
CA ASP A 386 23.15 6.46 -6.81
C ASP A 386 22.68 7.90 -6.69
N GLY A 387 21.72 8.13 -5.80
CA GLY A 387 21.25 9.44 -5.36
C GLY A 387 20.26 10.07 -6.31
N LYS A 388 19.75 9.29 -7.25
CA LYS A 388 18.74 9.78 -8.21
C LYS A 388 17.36 9.28 -7.80
N SER A 389 16.45 10.22 -7.52
CA SER A 389 15.02 9.95 -7.20
C SER A 389 14.22 9.75 -8.50
N VAL A 390 13.46 8.69 -8.58
CA VAL A 390 12.55 8.32 -9.71
C VAL A 390 11.14 8.35 -9.12
N PRO A 391 10.20 9.06 -9.75
CA PRO A 391 8.84 9.16 -9.22
C PRO A 391 8.24 7.78 -8.95
N LEU A 392 7.43 7.72 -7.89
CA LEU A 392 6.76 6.45 -7.51
C LEU A 392 5.74 6.08 -8.57
N SER A 393 5.58 4.79 -8.77
CA SER A 393 4.50 4.19 -9.58
C SER A 393 3.90 2.94 -8.90
N MET A 394 2.58 2.84 -8.90
CA MET A 394 1.85 1.59 -8.55
C MET A 394 1.38 0.88 -9.85
N THR A 395 1.71 1.41 -11.01
CA THR A 395 1.43 0.77 -12.32
C THR A 395 2.76 0.40 -12.99
N ARG A 396 2.72 -0.61 -13.84
CA ARG A 396 3.92 -1.13 -14.51
C ARG A 396 4.60 0.03 -15.27
N VAL A 397 5.91 0.16 -15.14
CA VAL A 397 6.66 1.27 -15.78
C VAL A 397 7.41 0.65 -16.96
N ASP A 398 7.01 1.03 -18.18
CA ASP A 398 7.69 0.56 -19.40
C ASP A 398 8.75 1.58 -19.82
N ARG A 399 8.39 2.86 -19.78
CA ARG A 399 9.31 3.96 -20.03
C ARG A 399 9.60 4.65 -18.69
N VAL A 400 10.85 4.51 -18.25
CA VAL A 400 11.29 5.05 -16.93
C VAL A 400 11.38 6.56 -17.08
N PRO A 401 10.74 7.35 -16.19
CA PRO A 401 10.87 8.78 -16.21
C PRO A 401 12.31 9.18 -15.85
N ASP A 402 12.72 10.37 -16.30
CA ASP A 402 14.06 10.94 -16.01
C ASP A 402 14.42 10.83 -14.53
N GLY A 403 13.64 11.35 -13.62
CA GLY A 403 14.14 11.36 -12.21
C GLY A 403 15.14 12.47 -12.00
N VAL A 404 15.51 12.74 -10.74
CA VAL A 404 16.24 13.95 -10.31
C VAL A 404 17.50 13.49 -9.55
N GLN A 405 18.68 13.96 -9.92
CA GLN A 405 19.89 13.74 -9.11
C GLN A 405 19.77 14.59 -7.83
N VAL A 406 19.43 13.99 -6.68
CA VAL A 406 19.18 14.74 -5.41
C VAL A 406 20.44 14.62 -4.52
N ILE A 407 21.14 13.50 -4.59
CA ILE A 407 22.43 13.28 -3.86
C ILE A 407 23.48 12.94 -4.89
N SER A 408 24.65 13.53 -4.75
CA SER A 408 25.72 13.29 -5.74
C SER A 408 25.98 11.79 -5.74
N PRO A 409 26.21 11.15 -6.91
CA PRO A 409 26.59 9.73 -6.95
C PRO A 409 27.72 9.42 -5.96
N GLU A 410 28.72 10.28 -5.85
CA GLU A 410 29.88 10.03 -4.95
C GLU A 410 29.39 9.87 -3.49
N VAL A 411 28.62 10.84 -3.03
CA VAL A 411 28.07 10.86 -1.66
C VAL A 411 27.16 9.66 -1.46
N ALA A 412 26.26 9.39 -2.40
CA ALA A 412 25.38 8.23 -2.33
C ALA A 412 26.22 6.96 -2.17
N SER A 413 27.29 6.85 -2.97
CA SER A 413 28.15 5.65 -2.97
C SER A 413 28.77 5.51 -1.54
N THR A 414 29.25 6.61 -0.99
CA THR A 414 29.87 6.60 0.36
C THR A 414 28.83 6.16 1.39
N VAL A 415 27.63 6.75 1.34
CA VAL A 415 26.61 6.39 2.36
C VAL A 415 26.23 4.91 2.20
N GLN A 416 26.06 4.43 0.95
CA GLN A 416 25.78 3.01 0.71
C GLN A 416 26.81 2.16 1.47
N GLY A 417 28.09 2.53 1.35
CA GLY A 417 29.18 1.72 1.93
C GLY A 417 29.11 1.78 3.46
N MET A 418 28.74 2.94 3.99
CA MET A 418 28.55 3.09 5.46
C MET A 418 27.41 2.20 5.93
N LEU A 419 26.31 2.13 5.18
CA LEU A 419 25.14 1.31 5.58
C LEU A 419 25.40 -0.17 5.42
N GLN A 420 26.27 -0.56 4.50
CA GLN A 420 26.73 -1.96 4.40
C GLN A 420 27.48 -2.31 5.70
N GLN A 421 28.36 -1.42 6.15
CA GLN A 421 29.10 -1.65 7.43
C GLN A 421 28.11 -1.72 8.59
N VAL A 422 27.07 -0.90 8.59
CA VAL A 422 26.02 -1.01 9.65
C VAL A 422 25.47 -2.44 9.66
N VAL A 423 25.08 -2.98 8.51
CA VAL A 423 24.56 -4.36 8.44
C VAL A 423 25.64 -5.37 8.87
N GLU A 424 26.89 -5.19 8.46
CA GLU A 424 28.00 -6.16 8.79
C GLU A 424 28.29 -6.15 10.29
N ALA A 425 28.00 -5.06 10.99
CA ALA A 425 28.28 -4.91 12.45
C ALA A 425 27.41 -5.85 13.28
N GLN A 426 26.20 -6.19 12.81
CA GLN A 426 25.22 -6.98 13.58
C GLN A 426 25.44 -8.47 13.27
N GLY A 427 25.83 -9.23 14.27
CA GLY A 427 25.91 -10.69 14.25
C GLY A 427 24.71 -11.25 14.99
N GLY A 428 24.62 -12.56 15.01
CA GLY A 428 23.56 -13.25 15.75
C GLY A 428 22.28 -13.26 14.97
N VAL A 429 21.22 -13.67 15.65
CA VAL A 429 19.92 -14.03 15.02
C VAL A 429 19.17 -12.79 14.54
N PHE A 430 19.46 -11.59 15.09
CA PHE A 430 18.78 -10.31 14.68
C PHE A 430 19.62 -9.51 13.69
N ARG A 431 20.25 -10.18 12.75
CA ARG A 431 21.01 -9.49 11.68
C ARG A 431 20.12 -9.31 10.45
N ALA A 432 20.49 -8.34 9.64
CA ALA A 432 19.88 -8.05 8.32
C ALA A 432 20.73 -8.65 7.21
N GLN A 433 21.86 -9.30 7.53
CA GLN A 433 22.75 -9.99 6.55
C GLN A 433 21.93 -10.83 5.56
N VAL A 434 22.12 -10.59 4.26
CA VAL A 434 21.41 -11.29 3.16
C VAL A 434 22.37 -12.29 2.56
N PRO A 435 22.11 -13.61 2.67
CA PRO A 435 23.02 -14.61 2.14
C PRO A 435 23.38 -14.43 0.65
N GLY A 436 24.67 -14.39 0.34
CA GLY A 436 25.20 -14.36 -1.04
C GLY A 436 25.39 -12.94 -1.54
N TYR A 437 24.92 -11.96 -0.76
CA TYR A 437 24.84 -10.51 -1.12
C TYR A 437 25.38 -9.63 0.01
N HIS A 438 25.81 -8.47 -0.40
CA HIS A 438 26.04 -7.29 0.45
C HIS A 438 24.73 -6.53 0.54
N ALA A 439 24.31 -6.23 1.73
CA ALA A 439 23.09 -5.46 1.96
C ALA A 439 23.44 -4.29 2.86
N ALA A 440 22.61 -3.27 2.78
CA ALA A 440 22.80 -1.98 3.48
C ALA A 440 21.47 -1.55 4.10
N GLY A 441 21.53 -0.94 5.28
CA GLY A 441 20.29 -0.48 5.88
C GLY A 441 20.50 -0.01 7.30
N LYS A 442 19.43 0.56 7.83
CA LYS A 442 19.45 1.19 9.17
C LYS A 442 18.17 0.76 9.84
N SER A 443 18.27 0.32 11.09
CA SER A 443 17.09 0.06 11.94
C SER A 443 16.69 1.31 12.73
N GLY A 444 15.52 1.26 13.36
CA GLY A 444 15.07 2.40 14.16
C GLY A 444 13.85 2.05 14.98
N THR A 445 13.42 2.95 15.84
CA THR A 445 12.14 2.83 16.55
C THR A 445 11.38 4.15 16.44
N ALA A 446 10.04 4.08 16.43
CA ALA A 446 9.17 5.28 16.49
C ALA A 446 8.21 5.10 17.65
N ARG A 447 8.26 6.03 18.59
CA ARG A 447 7.39 6.04 19.79
C ARG A 447 5.97 6.39 19.34
N LYS A 448 4.97 5.74 19.92
CA LYS A 448 3.52 5.86 19.56
C LYS A 448 2.87 7.01 20.36
N ASN A 459 5.71 0.79 27.53
CA ASN A 459 5.31 1.77 26.49
C ASN A 459 5.57 1.18 25.10
N ALA A 460 4.92 1.71 24.06
CA ALA A 460 4.83 1.07 22.72
C ALA A 460 5.63 1.86 21.69
N TYR A 461 5.98 1.18 20.61
CA TYR A 461 6.75 1.77 19.49
C TYR A 461 6.48 0.98 18.20
N ARG A 462 6.86 1.56 17.07
CA ARG A 462 7.05 0.81 15.80
C ARG A 462 8.55 0.45 15.67
N SER A 463 8.86 -0.80 15.37
CA SER A 463 10.17 -1.31 14.94
C SER A 463 10.30 -0.99 13.44
N LEU A 464 11.42 -0.40 13.04
CA LEU A 464 11.67 0.03 11.64
C LEU A 464 12.94 -0.65 11.15
N PHE A 465 12.92 -1.04 9.89
CA PHE A 465 14.17 -1.33 9.17
C PHE A 465 14.02 -0.85 7.73
N ALA A 466 14.97 -0.02 7.30
CA ALA A 466 15.00 0.46 5.90
C ALA A 466 16.35 0.08 5.28
N GLY A 467 16.34 -0.46 4.07
CA GLY A 467 17.59 -0.78 3.43
C GLY A 467 17.43 -1.10 1.98
N PHE A 468 18.51 -1.62 1.41
CA PHE A 468 18.62 -1.88 -0.04
C PHE A 468 19.75 -2.87 -0.26
N ALA A 469 19.65 -3.54 -1.41
CA ALA A 469 20.57 -4.55 -1.86
C ALA A 469 20.48 -4.67 -3.37
N PRO A 470 21.49 -5.26 -3.99
CA PRO A 470 22.82 -5.45 -3.39
C PRO A 470 23.56 -4.12 -3.13
N ALA A 471 24.35 -4.04 -2.07
CA ALA A 471 24.86 -2.74 -1.55
C ALA A 471 25.81 -2.09 -2.56
N THR A 472 26.49 -2.89 -3.39
CA THR A 472 27.57 -2.39 -4.29
C THR A 472 26.96 -1.98 -5.64
N ASP A 473 25.73 -2.39 -5.91
CA ASP A 473 24.98 -2.04 -7.17
C ASP A 473 23.48 -2.26 -6.97
N PRO A 474 22.84 -1.37 -6.19
CA PRO A 474 21.49 -1.63 -5.66
C PRO A 474 20.39 -1.74 -6.72
N ARG A 475 19.48 -2.64 -6.44
CA ARG A 475 18.33 -2.96 -7.31
C ARG A 475 17.01 -2.72 -6.55
N ILE A 476 16.99 -3.07 -5.25
CA ILE A 476 15.73 -3.17 -4.45
C ILE A 476 15.90 -2.40 -3.14
N ALA A 477 14.93 -1.55 -2.81
CA ALA A 477 14.80 -0.89 -1.50
C ALA A 477 13.62 -1.50 -0.73
N MET A 478 13.72 -1.58 0.59
CA MET A 478 12.68 -2.29 1.38
C MET A 478 12.50 -1.57 2.71
N VAL A 479 11.25 -1.34 3.11
CA VAL A 479 10.95 -0.84 4.48
C VAL A 479 10.10 -1.90 5.17
N VAL A 480 10.49 -2.22 6.39
CA VAL A 480 9.72 -3.15 7.27
C VAL A 480 9.24 -2.31 8.45
N VAL A 481 7.93 -2.36 8.77
CA VAL A 481 7.39 -1.71 9.99
C VAL A 481 6.68 -2.80 10.79
N ILE A 482 7.07 -3.02 12.05
CA ILE A 482 6.42 -3.99 12.98
C ILE A 482 5.89 -3.21 14.18
N ASP A 483 4.58 -3.14 14.30
CA ASP A 483 3.89 -2.19 15.22
C ASP A 483 3.73 -2.94 16.56
N GLU A 484 4.28 -2.35 17.62
CA GLU A 484 4.34 -2.87 19.02
C GLU A 484 4.68 -4.37 19.10
N PRO A 485 5.94 -4.79 18.79
CA PRO A 485 6.33 -6.18 19.01
C PRO A 485 6.45 -6.39 20.52
N SER A 486 6.49 -7.65 21.01
CA SER A 486 6.65 -8.02 22.46
C SER A 486 8.05 -8.57 22.78
N LYS A 487 8.88 -8.86 21.78
CA LYS A 487 10.32 -9.24 21.90
C LYS A 487 11.11 -8.05 22.44
N ALA A 488 11.14 -7.87 23.77
CA ALA A 488 11.65 -6.67 24.47
C ALA A 488 13.18 -6.70 24.60
N GLY A 489 13.91 -6.54 23.49
CA GLY A 489 15.36 -6.24 23.47
C GLY A 489 15.59 -4.76 23.71
N TYR A 490 16.83 -4.34 23.96
CA TYR A 490 17.18 -2.90 24.14
C TYR A 490 17.05 -2.18 22.78
N PHE A 491 17.31 -2.87 21.66
CA PHE A 491 17.29 -2.28 20.30
C PHE A 491 16.08 -2.80 19.50
N GLY A 492 14.92 -2.14 19.64
CA GLY A 492 13.63 -2.63 19.09
C GLY A 492 13.62 -2.73 17.57
N GLY A 493 14.48 -1.95 16.91
CA GLY A 493 14.53 -1.91 15.44
C GLY A 493 15.02 -3.23 14.90
N LEU A 494 15.84 -3.94 15.68
CA LEU A 494 16.49 -5.19 15.21
C LEU A 494 15.45 -6.32 15.00
N VAL A 495 14.28 -6.23 15.62
CA VAL A 495 13.16 -7.18 15.41
C VAL A 495 12.81 -7.23 13.91
N SER A 496 12.97 -6.13 13.21
CA SER A 496 12.60 -5.98 11.77
CA SER A 496 12.57 -6.05 11.78
C SER A 496 13.72 -6.42 10.82
N ALA A 497 14.96 -6.58 11.31
CA ALA A 497 16.13 -6.93 10.48
C ALA A 497 16.03 -8.33 9.87
N PRO A 498 15.64 -9.39 10.62
CA PRO A 498 15.51 -10.72 10.02
C PRO A 498 14.49 -10.80 8.90
N VAL A 499 13.41 -10.04 9.02
CA VAL A 499 12.32 -9.99 8.01
C VAL A 499 12.90 -9.39 6.73
N PHE A 500 13.62 -8.29 6.91
CA PHE A 500 14.32 -7.65 5.78
C PHE A 500 15.23 -8.69 5.12
N SER A 501 16.06 -9.41 5.91
CA SER A 501 16.99 -10.43 5.38
C SER A 501 16.25 -11.44 4.49
N LYS A 502 15.15 -11.99 4.97
CA LYS A 502 14.46 -13.12 4.31
C LYS A 502 13.78 -12.61 3.04
N VAL A 503 13.09 -11.50 3.15
CA VAL A 503 12.30 -10.96 2.00
C VAL A 503 13.25 -10.37 0.96
N MET A 504 14.32 -9.69 1.38
CA MET A 504 15.35 -9.20 0.41
C MET A 504 15.97 -10.40 -0.31
N ALA A 505 16.37 -11.46 0.39
CA ALA A 505 17.00 -12.65 -0.21
C ALA A 505 16.05 -13.21 -1.27
N GLY A 506 14.77 -13.35 -0.92
CA GLY A 506 13.81 -13.96 -1.85
C GLY A 506 13.58 -13.07 -3.05
N ALA A 507 13.43 -11.76 -2.85
CA ALA A 507 13.17 -10.77 -3.91
C ALA A 507 14.37 -10.79 -4.87
N LEU A 508 15.61 -10.74 -4.38
CA LEU A 508 16.77 -10.71 -5.30
C LEU A 508 16.78 -12.02 -6.12
N ARG A 509 16.46 -13.16 -5.50
CA ARG A 509 16.50 -14.46 -6.24
C ARG A 509 15.41 -14.44 -7.31
N LEU A 510 14.23 -13.95 -6.99
CA LEU A 510 13.08 -13.97 -7.95
C LEU A 510 13.40 -13.05 -9.12
N MET A 511 14.16 -11.98 -8.87
CA MET A 511 14.51 -11.03 -9.93
C MET A 511 15.86 -11.36 -10.59
N ASN A 512 16.41 -12.54 -10.31
CA ASN A 512 17.66 -13.08 -10.93
C ASN A 512 18.79 -12.05 -10.77
N VAL A 513 18.90 -11.41 -9.61
CA VAL A 513 19.98 -10.38 -9.42
C VAL A 513 21.24 -11.16 -9.10
N PRO A 514 22.37 -10.92 -9.80
CA PRO A 514 23.59 -11.64 -9.53
C PRO A 514 24.14 -11.30 -8.13
N PRO A 515 24.45 -12.34 -7.33
CA PRO A 515 25.16 -12.16 -6.06
C PRO A 515 26.42 -11.31 -6.15
N ASP A 516 26.62 -10.41 -5.19
CA ASP A 516 27.81 -9.53 -5.13
C ASP A 516 28.73 -9.86 -3.96
N ASN A 517 28.43 -10.91 -3.20
CA ASN A 517 29.28 -11.34 -2.06
C ASN A 517 29.78 -12.75 -2.36
N LEU A 518 30.50 -12.94 -3.46
CA LEU A 518 31.12 -14.26 -3.74
C LEU A 518 32.54 -14.23 -3.16
N PRO A 519 33.19 -15.40 -2.95
CA PRO A 519 34.61 -15.43 -2.58
C PRO A 519 35.54 -15.21 -3.79
#